data_7O9X
#
_entry.id   7O9X
#
_cell.length_a   107.063
_cell.length_b   107.063
_cell.length_c   107.243
_cell.angle_alpha   90.000
_cell.angle_beta   90.000
_cell.angle_gamma   90.000
#
_symmetry.space_group_name_H-M   'P 43 2 2'
#
loop_
_entity.id
_entity.type
_entity.pdbx_description
1 polymer Menin
2 non-polymer (2-methoxyphenyl)methanamine
3 non-polymer GLYCEROL
4 non-polymer 1,2-ETHANEDIOL
5 water water
#
_entity_poly.entity_id   1
_entity_poly.type   'polypeptide(L)'
_entity_poly.pdbx_seq_one_letter_code
;AMGLKAAQKTLFPLRSIDDVVRLFAAELGREEPDLVLLSLVLGFVEHFLAVNRVGLTYFPVADLSIIAALYARFTAQIRG
AVDLSLYPREGGVSSRELVKKVSDVIWNSLSRSYFKDRAHIQSLFSFITGTKLDSSGVAFAVVGACQALGLRDVHLALSE
DHAWVVFGPNGEQTAEVTWHGKGNEDRRGQTVNAGVAERSWLYLKGSYMRCDRKMEVAFMVCAINPSIDLHTDSLELLQL
QQKLLWLLYDLGHLERYPMALGNLADLEELEPTPGRPDPLTLYHKGIASAKTYYRDEHIYPYMYLAGYHCRNRNVREALQ
AWADTATVIQDYNYCREDEEIYKEFFEVANDVIPNLLKEAASLLEAGQSQGSALQDPECFAHLLRFYDGICKWEEGSPTP
VLHVGWATFLVQSLGRFEGQVRQKVRIVSGTVAGTARGPEGGSTAQVPAPAASPPPEGPVLTFQSEKMKGMKELLVATKI
NSSAIKLQLTAQSQ
;
_entity_poly.pdbx_strand_id   A
#
loop_
_chem_comp.id
_chem_comp.type
_chem_comp.name
_chem_comp.formula
EDO non-polymer 1,2-ETHANEDIOL 'C2 H6 O2'
GOL non-polymer GLYCEROL 'C3 H8 O3'
V6Q non-polymer (2-methoxyphenyl)methanamine 'C8 H11 N O'
#
# COMPACT_ATOMS: atom_id res chain seq x y z
N ALA A 1 16.95 -16.74 -10.35
CA ALA A 1 18.35 -16.40 -10.59
C ALA A 1 18.56 -16.07 -12.06
N MET A 2 19.26 -16.95 -12.78
CA MET A 2 19.59 -16.70 -14.18
C MET A 2 19.45 -17.98 -14.98
N GLY A 3 18.70 -17.90 -16.08
CA GLY A 3 18.50 -19.04 -16.93
C GLY A 3 17.33 -19.93 -16.52
N LEU A 4 16.47 -20.23 -17.48
CA LEU A 4 15.34 -21.09 -17.19
C LEU A 4 15.83 -22.53 -17.03
N LYS A 5 15.27 -23.23 -16.05
CA LYS A 5 15.67 -24.56 -15.65
C LYS A 5 14.59 -25.57 -16.03
N ALA A 6 15.01 -26.83 -16.16
CA ALA A 6 14.06 -27.88 -16.52
C ALA A 6 12.95 -28.00 -15.49
N ALA A 7 13.27 -27.82 -14.21
CA ALA A 7 12.25 -27.89 -13.16
C ALA A 7 11.17 -26.83 -13.36
N GLN A 8 11.51 -25.71 -14.00
CA GLN A 8 10.50 -24.74 -14.37
C GLN A 8 9.83 -25.12 -15.68
N LYS A 9 10.61 -25.57 -16.65
CA LYS A 9 10.08 -25.82 -17.99
C LYS A 9 9.10 -26.99 -18.02
N THR A 10 9.25 -27.96 -17.14
CA THR A 10 8.31 -29.13 -17.16
C THR A 10 6.92 -28.70 -16.73
N LEU A 11 6.81 -27.57 -16.05
CA LEU A 11 5.50 -27.09 -15.56
C LEU A 11 4.70 -26.41 -16.67
N PHE A 12 5.32 -26.10 -17.81
CA PHE A 12 4.65 -25.48 -18.97
C PHE A 12 3.95 -26.54 -19.81
N PRO A 13 2.93 -26.23 -20.61
CA PRO A 13 2.35 -24.89 -20.69
C PRO A 13 1.44 -24.55 -19.51
N LEU A 14 1.32 -23.26 -19.19
CA LEU A 14 0.42 -22.84 -18.10
C LEU A 14 -0.97 -22.69 -18.72
N ARG A 15 -1.88 -23.58 -18.35
CA ARG A 15 -3.20 -23.63 -18.96
C ARG A 15 -4.31 -23.28 -17.98
N SER A 16 -3.98 -22.87 -16.75
CA SER A 16 -5.02 -22.59 -15.79
C SER A 16 -4.43 -21.75 -14.66
N ILE A 17 -5.33 -21.27 -13.81
CA ILE A 17 -4.94 -20.56 -12.60
C ILE A 17 -4.05 -21.45 -11.74
N ASP A 18 -4.48 -22.70 -11.51
CA ASP A 18 -3.74 -23.66 -10.69
C ASP A 18 -2.39 -24.04 -11.28
N ASP A 19 -2.27 -24.05 -12.62
CA ASP A 19 -0.96 -24.24 -13.23
C ASP A 19 -0.01 -23.12 -12.85
N VAL A 20 -0.49 -21.86 -12.87
CA VAL A 20 0.36 -20.74 -12.48
C VAL A 20 0.74 -20.86 -11.02
N VAL A 21 -0.23 -21.21 -10.17
CA VAL A 21 0.05 -21.37 -8.75
C VAL A 21 1.11 -22.44 -8.52
N ARG A 22 1.02 -23.54 -9.26
CA ARG A 22 2.00 -24.61 -9.11
C ARG A 22 3.39 -24.15 -9.55
N LEU A 23 3.48 -23.28 -10.56
CA LEU A 23 4.79 -22.75 -10.93
C LEU A 23 5.35 -21.87 -9.81
N PHE A 24 4.49 -21.06 -9.18
CA PHE A 24 4.93 -20.23 -8.06
C PHE A 24 5.31 -21.07 -6.85
N ALA A 25 4.59 -22.17 -6.60
CA ALA A 25 4.93 -23.02 -5.46
C ALA A 25 6.31 -23.66 -5.64
N ALA A 26 6.65 -24.04 -6.88
CA ALA A 26 7.98 -24.60 -7.15
C ALA A 26 9.07 -23.54 -6.97
N GLU A 27 8.85 -22.34 -7.49
CA GLU A 27 9.86 -21.29 -7.39
C GLU A 27 10.06 -20.84 -5.96
N LEU A 28 9.01 -20.83 -5.15
CA LEU A 28 9.18 -20.43 -3.75
C LEU A 28 9.90 -21.48 -2.89
N GLY A 29 10.12 -22.69 -3.42
CA GLY A 29 11.00 -23.64 -2.74
C GLY A 29 12.46 -23.39 -3.01
N ARG A 30 12.78 -22.77 -4.14
CA ARG A 30 14.13 -22.39 -4.46
C ARG A 30 14.62 -21.36 -3.45
N GLU A 31 15.93 -21.34 -3.23
CA GLU A 31 16.50 -20.27 -2.42
C GLU A 31 16.38 -18.93 -3.15
N GLU A 32 16.35 -18.96 -4.47
CA GLU A 32 16.35 -17.74 -5.27
C GLU A 32 15.27 -17.88 -6.35
N PRO A 33 14.01 -17.61 -6.00
CA PRO A 33 12.94 -17.60 -7.02
C PRO A 33 13.22 -16.60 -8.13
N ASP A 34 12.94 -17.01 -9.37
CA ASP A 34 13.29 -16.25 -10.55
C ASP A 34 12.26 -15.12 -10.76
N LEU A 35 12.63 -13.91 -10.38
CA LEU A 35 11.73 -12.74 -10.47
C LEU A 35 11.32 -12.45 -11.91
N VAL A 36 12.23 -12.60 -12.86
CA VAL A 36 11.93 -12.33 -14.29
C VAL A 36 10.92 -13.34 -14.82
N LEU A 37 11.11 -14.61 -14.49
CA LEU A 37 10.19 -15.65 -15.00
C LEU A 37 8.80 -15.41 -14.41
N LEU A 38 8.71 -15.19 -13.11
CA LEU A 38 7.41 -15.06 -12.46
C LEU A 38 6.70 -13.77 -12.86
N SER A 39 7.45 -12.68 -13.06
CA SER A 39 6.81 -11.44 -13.49
C SER A 39 6.29 -11.55 -14.93
N LEU A 40 7.06 -12.17 -15.81
CA LEU A 40 6.61 -12.34 -17.19
C LEU A 40 5.35 -13.20 -17.25
N VAL A 41 5.29 -14.27 -16.45
CA VAL A 41 4.11 -15.10 -16.43
C VAL A 41 2.88 -14.31 -15.94
N LEU A 42 3.03 -13.57 -14.84
CA LEU A 42 1.88 -12.81 -14.34
C LEU A 42 1.45 -11.73 -15.32
N GLY A 43 2.42 -11.00 -15.92
CA GLY A 43 2.06 -9.96 -16.86
C GLY A 43 1.40 -10.48 -18.12
N PHE A 44 1.87 -11.63 -18.61
CA PHE A 44 1.23 -12.29 -19.74
C PHE A 44 -0.22 -12.64 -19.40
N VAL A 45 -0.42 -13.34 -18.28
CA VAL A 45 -1.76 -13.81 -17.90
C VAL A 45 -2.69 -12.64 -17.67
N GLU A 46 -2.21 -11.63 -16.94
CA GLU A 46 -3.04 -10.44 -16.72
C GLU A 46 -3.37 -9.74 -18.04
N HIS A 47 -2.40 -9.64 -18.95
CA HIS A 47 -2.62 -8.88 -20.17
C HIS A 47 -3.82 -9.42 -20.94
N PHE A 48 -3.91 -10.74 -21.07
CA PHE A 48 -4.97 -11.32 -21.87
C PHE A 48 -6.24 -11.59 -21.08
N LEU A 49 -6.20 -11.52 -19.75
CA LEU A 49 -7.43 -11.68 -18.96
C LEU A 49 -8.12 -10.35 -18.65
N ALA A 50 -7.40 -9.23 -18.66
CA ALA A 50 -7.98 -7.95 -18.24
C ALA A 50 -8.71 -7.32 -19.42
N VAL A 51 -9.57 -8.10 -20.07
CA VAL A 51 -10.38 -7.69 -21.21
C VAL A 51 -11.76 -8.24 -20.97
N ASN A 52 -12.80 -7.48 -21.33
CA ASN A 52 -14.14 -8.08 -21.35
C ASN A 52 -14.21 -9.11 -22.48
N ARG A 53 -15.00 -10.15 -22.26
CA ARG A 53 -15.01 -11.27 -23.19
C ARG A 53 -16.40 -11.86 -23.29
N VAL A 54 -16.61 -12.61 -24.37
CA VAL A 54 -17.70 -13.56 -24.48
C VAL A 54 -17.09 -14.95 -24.33
N GLY A 55 -17.72 -15.79 -23.51
CA GLY A 55 -17.15 -17.08 -23.17
C GLY A 55 -17.12 -17.29 -21.67
N LEU A 56 -17.84 -18.28 -21.17
CA LEU A 56 -17.92 -18.48 -19.72
C LEU A 56 -16.55 -18.79 -19.14
N THR A 57 -15.81 -19.66 -19.79
CA THR A 57 -14.50 -20.06 -19.30
C THR A 57 -13.44 -19.62 -20.30
N TYR A 58 -12.31 -19.16 -19.76
CA TYR A 58 -11.25 -18.67 -20.61
C TYR A 58 -9.98 -18.59 -19.78
N PHE A 59 -8.89 -19.09 -20.33
CA PHE A 59 -7.61 -18.91 -19.72
C PHE A 59 -6.65 -18.76 -20.90
N PRO A 60 -5.78 -17.75 -20.90
CA PRO A 60 -4.79 -17.61 -21.98
C PRO A 60 -3.56 -18.46 -21.68
N VAL A 61 -3.27 -19.39 -22.60
CA VAL A 61 -2.23 -20.40 -22.39
C VAL A 61 -0.87 -19.74 -22.48
N ALA A 62 -0.10 -19.80 -21.40
CA ALA A 62 1.29 -19.36 -21.39
C ALA A 62 2.16 -20.50 -21.94
N ASP A 63 2.36 -20.49 -23.26
CA ASP A 63 3.29 -21.41 -23.90
C ASP A 63 4.73 -21.07 -23.50
N LEU A 64 5.53 -22.10 -23.27
CA LEU A 64 6.92 -21.88 -22.88
C LEU A 64 7.70 -21.09 -23.94
N SER A 65 7.49 -21.41 -25.21
CA SER A 65 8.25 -20.71 -26.25
C SER A 65 8.07 -19.21 -26.15
N ILE A 66 6.84 -18.75 -25.86
CA ILE A 66 6.57 -17.33 -25.73
C ILE A 66 7.26 -16.75 -24.50
N ILE A 67 7.10 -17.39 -23.34
CA ILE A 67 7.70 -16.88 -22.11
C ILE A 67 9.22 -16.91 -22.21
N ALA A 68 9.78 -18.02 -22.73
CA ALA A 68 11.23 -18.15 -22.81
C ALA A 68 11.83 -17.15 -23.80
N ALA A 69 11.12 -16.83 -24.88
CA ALA A 69 11.60 -15.80 -25.79
C ALA A 69 11.64 -14.43 -25.09
N LEU A 70 10.57 -14.08 -24.36
CA LEU A 70 10.59 -12.81 -23.65
C LEU A 70 11.68 -12.78 -22.59
N TYR A 71 11.86 -13.90 -21.88
CA TYR A 71 12.89 -13.99 -20.86
C TYR A 71 14.28 -13.81 -21.45
N ALA A 72 14.52 -14.40 -22.62
CA ALA A 72 15.80 -14.25 -23.31
C ALA A 72 16.04 -12.81 -23.74
N ARG A 73 14.98 -12.12 -24.18
CA ARG A 73 15.10 -10.73 -24.58
C ARG A 73 15.50 -9.85 -23.39
N PHE A 74 14.85 -10.05 -22.24
CA PHE A 74 15.20 -9.29 -21.05
C PHE A 74 16.64 -9.54 -20.66
N THR A 75 17.04 -10.80 -20.65
CA THR A 75 18.38 -11.15 -20.21
C THR A 75 19.43 -10.63 -21.18
N ALA A 76 19.20 -10.79 -22.49
CA ALA A 76 20.13 -10.26 -23.48
C ALA A 76 20.30 -8.76 -23.33
N GLN A 77 19.18 -8.03 -23.18
CA GLN A 77 19.24 -6.59 -23.00
C GLN A 77 20.04 -6.21 -21.74
N ILE A 78 19.94 -7.00 -20.69
CA ILE A 78 20.65 -6.60 -19.45
C ILE A 78 22.12 -7.02 -19.52
N ARG A 79 22.40 -8.24 -19.97
CA ARG A 79 23.79 -8.74 -20.04
C ARG A 79 24.56 -7.91 -21.07
N GLY A 80 23.88 -7.50 -22.14
CA GLY A 80 24.54 -6.74 -23.18
C GLY A 80 24.75 -5.26 -22.89
N ALA A 81 24.18 -4.73 -21.82
CA ALA A 81 24.37 -3.33 -21.50
C ALA A 81 25.19 -3.10 -20.25
N VAL A 82 25.41 -4.12 -19.43
CA VAL A 82 26.09 -3.98 -18.14
C VAL A 82 27.30 -4.92 -18.13
N ASP A 83 28.47 -4.35 -18.33
CA ASP A 83 29.73 -5.07 -18.26
C ASP A 83 30.16 -5.15 -16.80
N LEU A 84 30.08 -6.34 -16.20
CA LEU A 84 30.40 -6.48 -14.78
C LEU A 84 31.90 -6.32 -14.49
N SER A 85 32.75 -6.48 -15.50
CA SER A 85 34.18 -6.36 -15.25
C SER A 85 34.60 -4.93 -14.92
N LEU A 86 33.79 -3.95 -15.31
CA LEU A 86 34.03 -2.55 -14.97
C LEU A 86 33.53 -2.15 -13.58
N TYR A 87 33.05 -3.09 -12.78
CA TYR A 87 32.49 -2.79 -11.47
C TYR A 87 32.94 -3.87 -10.48
N PRO A 88 33.97 -3.61 -9.70
CA PRO A 88 34.45 -4.63 -8.75
C PRO A 88 33.45 -4.86 -7.63
N ARG A 89 33.36 -6.11 -7.20
CA ARG A 89 32.34 -6.55 -6.24
C ARG A 89 33.05 -7.08 -5.00
N GLU A 90 33.20 -6.22 -4.00
CA GLU A 90 34.02 -6.48 -2.82
C GLU A 90 33.29 -7.45 -1.88
N GLY A 91 33.30 -8.73 -2.26
CA GLY A 91 32.72 -9.75 -1.42
C GLY A 91 31.21 -9.68 -1.28
N GLY A 92 30.50 -9.87 -2.38
CA GLY A 92 29.05 -9.88 -2.39
C GLY A 92 28.39 -8.51 -2.50
N VAL A 93 29.06 -7.46 -2.04
CA VAL A 93 28.45 -6.14 -2.00
C VAL A 93 28.54 -5.50 -3.38
N SER A 94 27.39 -5.09 -3.93
CA SER A 94 27.39 -4.27 -5.13
C SER A 94 27.69 -2.83 -4.75
N SER A 95 28.33 -2.12 -5.66
CA SER A 95 28.63 -0.71 -5.46
C SER A 95 27.45 0.15 -5.92
N ARG A 96 27.41 1.38 -5.39
CA ARG A 96 26.42 2.35 -5.85
C ARG A 96 26.55 2.63 -7.35
N GLU A 97 27.77 2.55 -7.89
CA GLU A 97 27.94 2.80 -9.31
C GLU A 97 27.30 1.69 -10.14
N LEU A 98 27.52 0.44 -9.76
CA LEU A 98 26.89 -0.67 -10.48
C LEU A 98 25.37 -0.60 -10.37
N VAL A 99 24.86 -0.45 -9.14
CA VAL A 99 23.42 -0.38 -8.94
C VAL A 99 22.82 0.75 -9.75
N LYS A 100 23.53 1.88 -9.84
CA LYS A 100 22.98 3.02 -10.59
C LYS A 100 23.05 2.77 -12.10
N LYS A 101 24.06 2.03 -12.55
CA LYS A 101 24.15 1.67 -13.97
C LYS A 101 22.96 0.81 -14.40
N VAL A 102 22.63 -0.20 -13.59
CA VAL A 102 21.49 -1.04 -13.92
C VAL A 102 20.21 -0.22 -13.93
N SER A 103 20.05 0.66 -12.92
CA SER A 103 18.91 1.55 -12.87
C SER A 103 18.82 2.37 -14.15
N ASP A 104 19.96 2.86 -14.65
CA ASP A 104 19.91 3.67 -15.87
C ASP A 104 19.57 2.83 -17.10
N VAL A 105 20.07 1.59 -17.17
CA VAL A 105 19.73 0.67 -18.25
C VAL A 105 18.21 0.53 -18.38
N ILE A 106 17.55 0.24 -17.26
CA ILE A 106 16.09 0.15 -17.25
C ILE A 106 15.49 1.49 -17.69
N TRP A 107 15.91 2.56 -17.02
CA TRP A 107 15.30 3.88 -17.23
C TRP A 107 15.41 4.32 -18.68
N ASN A 108 16.59 4.19 -19.28
CA ASN A 108 16.80 4.58 -20.67
C ASN A 108 16.04 3.72 -21.66
N SER A 109 15.51 2.57 -21.24
CA SER A 109 14.71 1.74 -22.16
C SER A 109 13.27 2.19 -22.24
N LEU A 110 12.78 2.96 -21.27
CA LEU A 110 11.37 3.28 -21.24
C LEU A 110 10.99 4.15 -22.43
N SER A 111 9.80 3.89 -22.97
CA SER A 111 9.22 4.82 -23.93
C SER A 111 9.12 6.21 -23.29
N ARG A 112 9.19 7.24 -24.12
CA ARG A 112 9.30 8.60 -23.61
C ARG A 112 7.97 9.36 -23.59
N SER A 113 6.84 8.67 -23.81
CA SER A 113 5.55 9.33 -23.72
C SER A 113 4.49 8.26 -23.46
N TYR A 114 3.79 8.38 -22.33
CA TYR A 114 2.61 7.55 -22.01
C TYR A 114 2.01 7.92 -20.65
N ALA A 119 -2.49 1.67 -16.09
CA ALA A 119 -2.96 0.32 -15.73
C ALA A 119 -2.32 -0.83 -16.56
N HIS A 120 -1.96 -1.91 -15.84
CA HIS A 120 -1.38 -3.12 -16.42
C HIS A 120 -0.04 -2.87 -17.09
N ILE A 121 0.75 -1.93 -16.56
CA ILE A 121 2.13 -1.74 -17.00
C ILE A 121 3.06 -1.90 -15.82
N GLN A 122 2.72 -2.82 -14.91
CA GLN A 122 3.56 -3.05 -13.74
C GLN A 122 4.57 -4.19 -13.94
N SER A 123 4.38 -5.06 -14.94
CA SER A 123 5.17 -6.27 -15.04
C SER A 123 6.30 -6.13 -16.08
N LEU A 124 7.27 -7.05 -15.99
CA LEU A 124 8.30 -7.13 -17.01
C LEU A 124 7.72 -7.47 -18.38
N PHE A 125 6.55 -8.10 -18.44
CA PHE A 125 5.88 -8.33 -19.72
C PHE A 125 5.64 -7.00 -20.43
N SER A 126 5.13 -6.04 -19.69
CA SER A 126 4.91 -4.70 -20.24
C SER A 126 6.23 -4.05 -20.60
N PHE A 127 7.27 -4.28 -19.80
CA PHE A 127 8.58 -3.70 -20.10
C PHE A 127 9.13 -4.23 -21.42
N ILE A 128 9.05 -5.55 -21.63
CA ILE A 128 9.66 -6.15 -22.81
C ILE A 128 8.84 -5.87 -24.06
N THR A 129 7.51 -6.05 -23.97
CA THR A 129 6.72 -5.96 -25.18
C THR A 129 6.39 -4.52 -25.56
N GLY A 130 6.31 -3.61 -24.60
CA GLY A 130 5.83 -2.29 -24.96
C GLY A 130 6.64 -1.14 -24.37
N THR A 131 7.83 -1.43 -23.87
CA THR A 131 8.70 -0.48 -23.16
C THR A 131 7.97 0.47 -22.21
N LYS A 132 6.94 0.01 -21.51
CA LYS A 132 6.21 0.81 -20.54
C LYS A 132 6.31 0.17 -19.16
N LEU A 133 6.46 1.02 -18.13
CA LEU A 133 6.38 0.60 -16.74
C LEU A 133 5.76 1.71 -15.91
N ASP A 134 5.00 1.35 -14.88
CA ASP A 134 4.57 2.35 -13.89
C ASP A 134 5.71 2.54 -12.86
N SER A 135 5.47 3.37 -11.86
CA SER A 135 6.54 3.86 -11.00
C SER A 135 7.21 2.71 -10.23
N SER A 136 6.44 1.99 -9.41
CA SER A 136 7.04 0.88 -8.69
C SER A 136 7.43 -0.27 -9.62
N GLY A 137 6.85 -0.33 -10.82
CA GLY A 137 7.30 -1.31 -11.80
C GLY A 137 8.74 -1.10 -12.21
N VAL A 138 9.17 0.15 -12.32
CA VAL A 138 10.57 0.44 -12.65
C VAL A 138 11.50 -0.13 -11.57
N ALA A 139 11.16 0.11 -10.29
CA ALA A 139 12.03 -0.36 -9.22
C ALA A 139 12.05 -1.88 -9.17
N PHE A 140 10.93 -2.52 -9.45
CA PHE A 140 10.93 -3.98 -9.54
C PHE A 140 11.79 -4.44 -10.72
N ALA A 141 11.66 -3.77 -11.86
CA ALA A 141 12.48 -4.13 -13.01
C ALA A 141 13.97 -4.04 -12.67
N VAL A 142 14.35 -3.06 -11.86
CA VAL A 142 15.75 -2.91 -11.49
C VAL A 142 16.20 -4.09 -10.62
N VAL A 143 15.37 -4.51 -9.67
CA VAL A 143 15.77 -5.65 -8.84
C VAL A 143 15.85 -6.92 -9.68
N GLY A 144 14.87 -7.15 -10.56
CA GLY A 144 14.93 -8.31 -11.45
C GLY A 144 16.15 -8.27 -12.36
N ALA A 145 16.49 -7.08 -12.86
CA ALA A 145 17.71 -6.93 -13.63
C ALA A 145 18.94 -7.32 -12.82
N CYS A 146 19.03 -6.83 -11.58
CA CYS A 146 20.18 -7.16 -10.75
C CYS A 146 20.24 -8.67 -10.46
N GLN A 147 19.11 -9.29 -10.13
CA GLN A 147 19.12 -10.75 -9.97
C GLN A 147 19.58 -11.45 -11.24
N ALA A 148 19.17 -10.95 -12.41
CA ALA A 148 19.66 -11.53 -13.66
C ALA A 148 21.18 -11.41 -13.79
N LEU A 149 21.80 -10.48 -13.05
CA LEU A 149 23.23 -10.26 -13.11
C LEU A 149 23.99 -10.95 -11.99
N GLY A 150 23.29 -11.51 -11.01
CA GLY A 150 23.94 -12.18 -9.90
C GLY A 150 24.14 -11.32 -8.68
N LEU A 151 23.50 -10.16 -8.61
CA LEU A 151 23.74 -9.22 -7.51
C LEU A 151 22.79 -9.58 -6.38
N ARG A 152 23.18 -10.59 -5.62
CA ARG A 152 22.30 -11.16 -4.62
C ARG A 152 21.91 -10.17 -3.53
N ASP A 153 22.62 -9.05 -3.41
CA ASP A 153 22.35 -8.11 -2.33
C ASP A 153 21.40 -6.98 -2.72
N VAL A 154 21.06 -6.83 -4.00
CA VAL A 154 20.14 -5.79 -4.42
C VAL A 154 18.70 -6.24 -4.16
N HIS A 155 17.95 -5.44 -3.41
CA HIS A 155 16.60 -5.81 -3.02
C HIS A 155 15.67 -4.63 -3.15
N LEU A 156 14.38 -4.95 -3.20
CA LEU A 156 13.33 -3.96 -3.31
C LEU A 156 12.98 -3.45 -1.93
N ALA A 157 12.83 -2.13 -1.82
CA ALA A 157 12.34 -1.50 -0.61
C ALA A 157 11.01 -0.81 -0.94
N LEU A 158 10.06 -0.90 -0.02
CA LEU A 158 8.71 -0.40 -0.24
C LEU A 158 8.22 0.37 0.99
N SER A 159 7.72 1.56 0.75
CA SER A 159 6.87 2.20 1.74
C SER A 159 5.41 1.91 1.39
N GLU A 160 4.49 2.73 1.89
CA GLU A 160 3.08 2.56 1.56
C GLU A 160 2.69 3.29 0.28
N ASP A 161 3.62 4.02 -0.34
CA ASP A 161 3.28 4.71 -1.59
C ASP A 161 4.49 4.90 -2.50
N HIS A 162 5.60 4.22 -2.26
CA HIS A 162 6.79 4.46 -3.05
C HIS A 162 7.68 3.21 -2.97
N ALA A 163 8.61 3.12 -3.90
CA ALA A 163 9.53 1.99 -3.99
C ALA A 163 10.91 2.46 -4.40
N TRP A 164 11.93 1.79 -3.88
CA TRP A 164 13.32 2.05 -4.29
C TRP A 164 14.11 0.77 -4.07
N VAL A 165 15.44 0.85 -4.11
CA VAL A 165 16.23 -0.36 -3.88
C VAL A 165 17.19 -0.15 -2.71
N VAL A 166 17.46 -1.26 -2.01
CA VAL A 166 18.49 -1.32 -0.98
C VAL A 166 19.50 -2.38 -1.39
N PHE A 167 20.73 -2.21 -0.90
CA PHE A 167 21.83 -3.10 -1.27
C PHE A 167 22.94 -2.95 -0.23
N GLY A 168 24.04 -3.67 -0.45
CA GLY A 168 25.10 -3.77 0.53
C GLY A 168 24.71 -4.65 1.70
N PRO A 169 25.55 -4.72 2.73
CA PRO A 169 25.25 -5.57 3.88
C PRO A 169 23.96 -5.14 4.57
N ASN A 170 23.07 -6.11 4.78
CA ASN A 170 21.78 -5.92 5.45
C ASN A 170 20.90 -4.89 4.77
N GLY A 171 21.20 -4.49 3.56
CA GLY A 171 20.43 -3.42 2.95
C GLY A 171 20.78 -2.06 3.50
N GLU A 172 22.05 -1.89 3.91
CA GLU A 172 22.52 -0.62 4.44
C GLU A 172 22.39 0.51 3.44
N GLN A 173 22.71 0.24 2.17
CA GLN A 173 22.71 1.26 1.13
C GLN A 173 21.33 1.40 0.52
N THR A 174 20.94 2.65 0.22
CA THR A 174 19.69 2.88 -0.48
C THR A 174 19.95 3.70 -1.72
N ALA A 175 19.08 3.53 -2.72
CA ALA A 175 19.19 4.27 -3.97
C ALA A 175 17.79 4.44 -4.55
N GLU A 176 17.48 5.66 -4.97
CA GLU A 176 16.26 5.92 -5.72
C GLU A 176 16.44 5.47 -7.15
N VAL A 177 15.42 4.81 -7.70
CA VAL A 177 15.55 4.29 -9.06
C VAL A 177 14.36 4.69 -9.92
N THR A 178 13.34 5.32 -9.35
CA THR A 178 12.14 5.64 -10.11
C THR A 178 11.61 7.00 -9.66
N TRP A 179 10.48 7.40 -10.24
CA TRP A 179 9.84 8.66 -9.93
C TRP A 179 8.73 8.45 -8.91
N HIS A 180 8.28 9.55 -8.31
CA HIS A 180 7.10 9.51 -7.46
C HIS A 180 6.21 10.73 -7.70
N GLY A 181 4.90 10.53 -7.70
CA GLY A 181 3.99 11.63 -7.99
C GLY A 181 4.13 12.07 -9.45
N LYS A 182 3.76 13.32 -9.72
CA LYS A 182 3.71 13.83 -11.09
C LYS A 182 4.79 14.88 -11.34
N GLY A 183 4.71 16.06 -10.73
CA GLY A 183 5.62 17.13 -11.10
C GLY A 183 6.88 17.24 -10.28
N ASN A 184 7.26 16.18 -9.59
CA ASN A 184 8.35 16.26 -8.63
C ASN A 184 9.70 16.11 -9.32
N GLU A 185 10.74 16.67 -8.69
CA GLU A 185 12.09 16.64 -9.23
C GLU A 185 12.71 15.26 -9.04
N ASP A 186 13.41 14.80 -10.07
CA ASP A 186 13.98 13.46 -10.08
C ASP A 186 15.02 13.31 -8.99
N ARG A 187 14.92 12.22 -8.22
CA ARG A 187 15.90 11.92 -7.17
C ARG A 187 16.68 10.64 -7.44
N ARG A 188 16.66 10.12 -8.68
CA ARG A 188 17.30 8.84 -8.95
C ARG A 188 18.79 8.92 -8.67
N GLY A 189 19.34 7.83 -8.13
CA GLY A 189 20.70 7.79 -7.65
C GLY A 189 20.86 8.20 -6.20
N GLN A 190 20.01 9.09 -5.71
CA GLN A 190 20.17 9.56 -4.32
C GLN A 190 19.73 8.50 -3.30
N THR A 191 20.12 8.71 -2.04
CA THR A 191 19.72 7.88 -0.90
C THR A 191 18.33 8.32 -0.44
N VAL A 192 17.67 7.50 0.36
CA VAL A 192 16.35 7.93 0.89
C VAL A 192 16.57 8.61 2.25
N ASN A 193 17.81 8.94 2.62
CA ASN A 193 18.03 9.48 3.96
C ASN A 193 17.24 10.77 4.20
N ALA A 194 17.26 11.70 3.23
CA ALA A 194 16.50 12.94 3.39
C ALA A 194 15.04 12.64 3.68
N GLY A 195 14.44 11.73 2.89
CA GLY A 195 13.03 11.41 3.11
C GLY A 195 12.76 10.86 4.49
N VAL A 196 13.62 9.97 5.00
CA VAL A 196 13.47 9.47 6.36
C VAL A 196 13.53 10.62 7.36
N ALA A 197 14.50 11.52 7.19
CA ALA A 197 14.77 12.56 8.18
C ALA A 197 13.69 13.64 8.17
N GLU A 198 13.06 13.90 7.01
CA GLU A 198 12.00 14.92 6.99
C GLU A 198 10.75 14.46 7.72
N ARG A 199 10.68 13.19 8.15
CA ARG A 199 9.53 12.67 8.88
C ARG A 199 8.25 12.67 8.03
N SER A 200 8.40 12.54 6.71
CA SER A 200 7.28 12.38 5.80
C SER A 200 6.70 10.96 5.89
N TRP A 201 5.38 10.88 5.71
CA TRP A 201 4.73 9.57 5.56
C TRP A 201 5.34 8.78 4.40
N LEU A 202 5.79 9.46 3.34
CA LEU A 202 6.26 8.72 2.17
C LEU A 202 7.39 7.78 2.51
N TYR A 203 8.22 8.11 3.51
CA TYR A 203 9.38 7.28 3.82
C TYR A 203 9.26 6.59 5.17
N LEU A 204 8.15 6.79 5.88
CA LEU A 204 7.73 5.96 7.00
C LEU A 204 8.69 6.05 8.20
N LYS A 205 9.46 7.15 8.29
CA LYS A 205 10.41 7.36 9.38
C LYS A 205 11.45 6.25 9.42
N GLY A 206 11.81 5.72 8.25
CA GLY A 206 12.70 4.59 8.15
C GLY A 206 12.07 3.24 8.40
N SER A 207 10.79 3.19 8.77
CA SER A 207 10.12 1.92 9.06
C SER A 207 9.48 1.28 7.83
N TYR A 208 10.18 1.31 6.70
CA TYR A 208 9.70 0.76 5.45
C TYR A 208 10.13 -0.69 5.31
N MET A 209 9.64 -1.36 4.30
CA MET A 209 9.90 -2.78 4.09
C MET A 209 11.19 -2.95 3.30
N ARG A 210 12.04 -3.88 3.75
CA ARG A 210 13.20 -4.33 2.98
C ARG A 210 12.98 -5.78 2.63
N CYS A 211 12.80 -6.08 1.35
CA CYS A 211 12.42 -7.41 0.90
C CYS A 211 13.61 -8.36 0.83
N ASP A 212 13.34 -9.63 1.07
CA ASP A 212 14.15 -10.72 0.54
C ASP A 212 13.51 -11.13 -0.79
N ARG A 213 14.11 -12.11 -1.48
CA ARG A 213 13.59 -12.50 -2.79
C ARG A 213 12.14 -12.93 -2.71
N LYS A 214 11.77 -13.59 -1.62
CA LYS A 214 10.44 -14.14 -1.52
C LYS A 214 9.41 -13.10 -1.16
N MET A 215 9.82 -12.02 -0.48
CA MET A 215 8.93 -10.89 -0.32
C MET A 215 8.79 -10.12 -1.61
N GLU A 216 9.80 -10.19 -2.48
CA GLU A 216 9.67 -9.60 -3.81
C GLU A 216 8.64 -10.35 -4.64
N VAL A 217 8.56 -11.68 -4.47
CA VAL A 217 7.48 -12.42 -5.10
C VAL A 217 6.13 -11.97 -4.55
N ALA A 218 6.05 -11.77 -3.23
CA ALA A 218 4.80 -11.26 -2.67
C ALA A 218 4.44 -9.90 -3.26
N PHE A 219 5.43 -9.02 -3.44
CA PHE A 219 5.15 -7.73 -4.07
C PHE A 219 4.48 -7.90 -5.42
N MET A 220 5.09 -8.73 -6.30
CA MET A 220 4.54 -8.85 -7.65
C MET A 220 3.16 -9.50 -7.64
N VAL A 221 2.86 -10.32 -6.63
CA VAL A 221 1.52 -10.87 -6.51
C VAL A 221 0.55 -9.78 -6.07
N CYS A 222 0.94 -8.99 -5.07
CA CYS A 222 0.15 -7.84 -4.68
C CYS A 222 -0.06 -6.87 -5.84
N ALA A 223 0.91 -6.77 -6.75
CA ALA A 223 0.84 -5.84 -7.87
C ALA A 223 -0.09 -6.29 -8.98
N ILE A 224 -0.62 -7.51 -8.90
CA ILE A 224 -1.61 -7.95 -9.88
C ILE A 224 -2.79 -6.99 -9.86
N ASN A 225 -3.18 -6.51 -11.03
CA ASN A 225 -4.29 -5.57 -11.16
C ASN A 225 -5.44 -6.23 -11.91
N PRO A 226 -6.47 -6.74 -11.21
CA PRO A 226 -7.59 -7.40 -11.89
C PRO A 226 -8.55 -6.45 -12.60
N SER A 227 -8.39 -5.15 -12.46
CA SER A 227 -9.34 -4.19 -13.03
C SER A 227 -9.40 -4.28 -14.56
N ILE A 228 -10.58 -4.49 -15.09
CA ILE A 228 -10.77 -4.44 -16.54
C ILE A 228 -11.20 -3.03 -16.95
N ASP A 229 -12.23 -2.49 -16.32
CA ASP A 229 -12.65 -1.11 -16.59
C ASP A 229 -13.19 -0.54 -15.27
N LEU A 230 -13.82 0.64 -15.34
CA LEU A 230 -14.27 1.28 -14.09
C LEU A 230 -15.39 0.51 -13.40
N HIS A 231 -16.05 -0.41 -14.08
CA HIS A 231 -17.13 -1.17 -13.47
C HIS A 231 -16.82 -2.65 -13.26
N THR A 232 -15.71 -3.17 -13.79
CA THR A 232 -15.51 -4.61 -13.90
C THR A 232 -14.12 -5.03 -13.46
N ASP A 233 -14.07 -6.06 -12.63
CA ASP A 233 -12.84 -6.77 -12.27
C ASP A 233 -12.83 -8.16 -12.90
N SER A 234 -11.64 -8.63 -13.24
CA SER A 234 -11.45 -10.01 -13.71
C SER A 234 -11.49 -10.97 -12.53
N LEU A 235 -12.46 -11.87 -12.52
CA LEU A 235 -12.58 -12.81 -11.42
C LEU A 235 -11.44 -13.83 -11.43
N GLU A 236 -10.95 -14.17 -12.62
CA GLU A 236 -9.83 -15.08 -12.70
C GLU A 236 -8.57 -14.46 -12.09
N LEU A 237 -8.32 -13.18 -12.35
CA LEU A 237 -7.16 -12.54 -11.76
C LEU A 237 -7.31 -12.39 -10.24
N LEU A 238 -8.53 -12.14 -9.74
CA LEU A 238 -8.74 -12.07 -8.30
C LEU A 238 -8.51 -13.44 -7.65
N GLN A 239 -8.99 -14.50 -8.28
CA GLN A 239 -8.80 -15.83 -7.73
C GLN A 239 -7.32 -16.24 -7.77
N LEU A 240 -6.62 -15.87 -8.85
CA LEU A 240 -5.20 -16.12 -8.97
C LEU A 240 -4.42 -15.38 -7.87
N GLN A 241 -4.66 -14.07 -7.72
CA GLN A 241 -3.98 -13.30 -6.69
C GLN A 241 -4.28 -13.88 -5.30
N GLN A 242 -5.54 -14.27 -5.08
CA GLN A 242 -5.93 -14.80 -3.79
C GLN A 242 -5.22 -16.13 -3.47
N LYS A 243 -5.15 -17.05 -4.44
CA LYS A 243 -4.48 -18.32 -4.19
C LYS A 243 -2.97 -18.12 -4.01
N LEU A 244 -2.36 -17.24 -4.79
CA LEU A 244 -0.94 -16.94 -4.59
C LEU A 244 -0.68 -16.37 -3.21
N LEU A 245 -1.57 -15.50 -2.71
CA LEU A 245 -1.29 -14.89 -1.41
C LEU A 245 -1.42 -15.92 -0.28
N TRP A 246 -2.30 -16.92 -0.45
CA TRP A 246 -2.41 -17.99 0.54
C TRP A 246 -1.17 -18.87 0.51
N LEU A 247 -0.65 -19.14 -0.68
CA LEU A 247 0.59 -19.87 -0.82
C LEU A 247 1.72 -19.15 -0.09
N LEU A 248 1.85 -17.84 -0.34
CA LEU A 248 2.82 -17.01 0.35
C LEU A 248 2.57 -16.98 1.85
N TYR A 249 1.31 -16.85 2.24
CA TYR A 249 0.97 -16.84 3.66
C TYR A 249 1.47 -18.10 4.34
N ASP A 250 1.26 -19.26 3.69
CA ASP A 250 1.54 -20.56 4.31
C ASP A 250 3.02 -20.77 4.53
N LEU A 251 3.84 -20.23 3.64
CA LEU A 251 5.28 -20.30 3.69
C LEU A 251 5.91 -19.23 4.59
N GLY A 252 5.09 -18.37 5.22
CA GLY A 252 5.59 -17.34 6.12
C GLY A 252 6.03 -16.05 5.45
N HIS A 253 5.86 -15.93 4.14
CA HIS A 253 6.40 -14.81 3.40
C HIS A 253 5.50 -13.57 3.44
N LEU A 254 4.35 -13.63 4.13
CA LEU A 254 3.59 -12.42 4.41
C LEU A 254 3.79 -11.93 5.84
N GLU A 255 4.60 -12.65 6.64
CA GLU A 255 4.75 -12.33 8.06
C GLU A 255 5.12 -10.87 8.28
N ARG A 256 5.95 -10.30 7.39
CA ARG A 256 6.43 -8.93 7.52
C ARG A 256 5.86 -8.01 6.43
N TYR A 257 4.67 -8.32 5.92
CA TYR A 257 4.12 -7.62 4.76
C TYR A 257 2.68 -7.24 5.09
N PRO A 258 2.48 -6.16 5.86
CA PRO A 258 1.12 -5.84 6.31
C PRO A 258 0.13 -5.57 5.19
N MET A 259 0.53 -4.84 4.15
CA MET A 259 -0.42 -4.54 3.08
C MET A 259 -0.87 -5.80 2.35
N ALA A 260 0.03 -6.77 2.19
CA ALA A 260 -0.37 -8.05 1.60
C ALA A 260 -1.43 -8.74 2.46
N LEU A 261 -1.27 -8.68 3.78
CA LEU A 261 -2.25 -9.29 4.67
C LEU A 261 -3.59 -8.55 4.58
N GLY A 262 -3.56 -7.22 4.48
CA GLY A 262 -4.78 -6.47 4.25
C GLY A 262 -5.44 -6.85 2.93
N ASN A 263 -4.62 -6.95 1.87
CA ASN A 263 -5.11 -7.35 0.55
C ASN A 263 -5.81 -8.70 0.63
N LEU A 264 -5.21 -9.65 1.35
CA LEU A 264 -5.76 -11.00 1.45
C LEU A 264 -7.06 -11.00 2.25
N ALA A 265 -7.11 -10.24 3.33
CA ALA A 265 -8.35 -10.01 4.06
C ALA A 265 -9.46 -9.47 3.16
N ASP A 266 -9.15 -8.45 2.34
CA ASP A 266 -10.12 -7.94 1.38
C ASP A 266 -10.60 -9.02 0.41
N LEU A 267 -9.67 -9.85 -0.08
CA LEU A 267 -10.07 -10.91 -0.99
C LEU A 267 -10.94 -11.96 -0.28
N GLU A 268 -10.60 -12.29 0.97
CA GLU A 268 -11.47 -13.20 1.72
C GLU A 268 -12.83 -12.57 2.03
N GLU A 269 -12.89 -11.25 2.20
CA GLU A 269 -14.18 -10.59 2.33
C GLU A 269 -15.01 -10.80 1.07
N LEU A 270 -14.39 -10.61 -0.09
CA LEU A 270 -15.05 -10.78 -1.37
C LEU A 270 -15.50 -12.22 -1.57
N GLU A 271 -14.63 -13.18 -1.22
CA GLU A 271 -14.85 -14.58 -1.54
C GLU A 271 -14.15 -15.47 -0.52
N PRO A 272 -14.82 -15.82 0.58
CA PRO A 272 -14.16 -16.60 1.64
C PRO A 272 -13.71 -17.97 1.14
N THR A 273 -12.48 -18.37 1.55
CA THR A 273 -11.93 -19.69 1.26
C THR A 273 -12.24 -20.65 2.41
N PRO A 274 -12.80 -21.82 2.13
CA PRO A 274 -13.20 -22.74 3.20
C PRO A 274 -12.02 -23.14 4.08
N GLY A 275 -12.20 -22.98 5.38
CA GLY A 275 -11.21 -23.45 6.34
C GLY A 275 -10.14 -22.44 6.71
N ARG A 276 -10.16 -21.24 6.12
CA ARG A 276 -9.13 -20.24 6.33
C ARG A 276 -9.59 -19.22 7.37
N PRO A 277 -8.64 -18.50 8.00
CA PRO A 277 -9.02 -17.42 8.93
C PRO A 277 -9.98 -16.46 8.26
N ASP A 278 -10.83 -15.80 9.07
CA ASP A 278 -11.78 -14.86 8.52
C ASP A 278 -11.12 -13.49 8.32
N PRO A 279 -11.73 -12.60 7.52
CA PRO A 279 -11.07 -11.32 7.26
C PRO A 279 -10.60 -10.59 8.50
N LEU A 280 -11.42 -10.53 9.55
CA LEU A 280 -11.08 -9.78 10.75
C LEU A 280 -9.79 -10.30 11.37
N THR A 281 -9.63 -11.63 11.42
CA THR A 281 -8.37 -12.21 11.87
C THR A 281 -7.21 -11.72 11.01
N LEU A 282 -7.43 -11.64 9.69
CA LEU A 282 -6.35 -11.25 8.80
C LEU A 282 -6.02 -9.77 8.91
N TYR A 283 -7.04 -8.90 9.01
CA TYR A 283 -6.77 -7.48 9.23
C TYR A 283 -5.95 -7.28 10.49
N HIS A 284 -6.29 -8.00 11.56
CA HIS A 284 -5.55 -7.82 12.80
C HIS A 284 -4.16 -8.44 12.72
N LYS A 285 -3.99 -9.53 11.97
CA LYS A 285 -2.63 -10.02 11.72
C LYS A 285 -1.80 -8.96 10.99
N GLY A 286 -2.42 -8.22 10.07
CA GLY A 286 -1.73 -7.13 9.41
C GLY A 286 -1.30 -6.04 10.38
N ILE A 287 -2.19 -5.67 11.30
CA ILE A 287 -1.86 -4.67 12.31
C ILE A 287 -0.75 -5.21 13.23
N ALA A 288 -0.82 -6.51 13.56
CA ALA A 288 0.19 -7.11 14.43
C ALA A 288 1.55 -7.14 13.76
N SER A 289 1.58 -7.39 12.46
CA SER A 289 2.83 -7.30 11.71
C SER A 289 3.42 -5.90 11.78
N ALA A 290 2.56 -4.89 11.61
CA ALA A 290 3.05 -3.51 11.59
C ALA A 290 3.60 -3.11 12.95
N LYS A 291 2.93 -3.53 14.03
CA LYS A 291 3.46 -3.29 15.37
C LYS A 291 4.78 -4.02 15.59
N THR A 292 4.85 -5.28 15.13
CA THR A 292 6.00 -6.12 15.46
C THR A 292 7.26 -5.69 14.72
N TYR A 293 7.13 -5.41 13.42
CA TYR A 293 8.28 -5.21 12.56
C TYR A 293 8.49 -3.76 12.15
N TYR A 294 7.49 -2.91 12.32
CA TYR A 294 7.55 -1.56 11.76
C TYR A 294 7.15 -0.50 12.77
N ARG A 295 7.31 -0.77 14.07
CA ARG A 295 7.12 0.21 15.15
C ARG A 295 5.74 0.86 15.12
N ASP A 296 4.75 0.14 14.59
CA ASP A 296 3.37 0.62 14.54
C ASP A 296 3.29 1.98 13.85
N GLU A 297 4.09 2.15 12.80
CA GLU A 297 4.16 3.43 12.11
C GLU A 297 3.57 3.37 10.70
N HIS A 298 2.74 2.37 10.40
CA HIS A 298 2.07 2.25 9.10
C HIS A 298 0.62 2.72 9.20
N ILE A 299 0.13 3.36 8.15
CA ILE A 299 -1.25 3.86 8.19
C ILE A 299 -2.23 2.79 7.70
N TYR A 300 -1.94 2.16 6.55
CA TYR A 300 -2.91 1.32 5.88
C TYR A 300 -3.43 0.14 6.69
N PRO A 301 -2.65 -0.44 7.63
CA PRO A 301 -3.24 -1.54 8.43
C PRO A 301 -4.53 -1.14 9.10
N TYR A 302 -4.62 0.09 9.62
CA TYR A 302 -5.86 0.54 10.24
C TYR A 302 -6.88 1.02 9.20
N MET A 303 -6.43 1.58 8.07
CA MET A 303 -7.37 1.91 6.98
C MET A 303 -8.05 0.66 6.44
N TYR A 304 -7.30 -0.45 6.30
CA TYR A 304 -7.91 -1.70 5.87
C TYR A 304 -9.02 -2.11 6.82
N LEU A 305 -8.71 -2.14 8.13
CA LEU A 305 -9.68 -2.56 9.12
C LEU A 305 -10.88 -1.60 9.16
N ALA A 306 -10.62 -0.31 9.05
CA ALA A 306 -11.71 0.67 9.08
C ALA A 306 -12.67 0.45 7.91
N GLY A 307 -12.13 0.24 6.71
CA GLY A 307 -12.99 0.04 5.54
C GLY A 307 -13.90 -1.15 5.72
N TYR A 308 -13.37 -2.24 6.29
CA TYR A 308 -14.16 -3.44 6.53
C TYR A 308 -15.29 -3.19 7.52
N HIS A 309 -15.00 -2.54 8.63
CA HIS A 309 -16.06 -2.21 9.57
C HIS A 309 -17.09 -1.29 8.90
N CYS A 310 -16.62 -0.34 8.08
CA CYS A 310 -17.52 0.59 7.42
C CYS A 310 -18.50 -0.15 6.52
N ARG A 311 -17.98 -1.10 5.71
CA ARG A 311 -18.84 -1.82 4.77
C ARG A 311 -19.87 -2.67 5.48
N ASN A 312 -19.52 -3.20 6.66
CA ASN A 312 -20.41 -4.03 7.45
C ASN A 312 -21.25 -3.23 8.44
N ARG A 313 -21.18 -1.90 8.39
CA ARG A 313 -21.97 -1.03 9.27
C ARG A 313 -21.69 -1.29 10.75
N ASN A 314 -20.46 -1.68 11.08
CA ASN A 314 -19.94 -1.61 12.44
C ASN A 314 -19.37 -0.20 12.62
N VAL A 315 -20.27 0.75 12.86
CA VAL A 315 -19.88 2.16 12.85
C VAL A 315 -18.85 2.46 13.94
N ARG A 316 -19.03 1.90 15.13
CA ARG A 316 -18.17 2.24 16.26
C ARG A 316 -16.74 1.77 16.02
N GLU A 317 -16.57 0.53 15.57
CA GLU A 317 -15.22 0.04 15.28
C GLU A 317 -14.61 0.72 14.06
N ALA A 318 -15.44 1.14 13.09
CA ALA A 318 -14.91 1.91 11.96
C ALA A 318 -14.31 3.22 12.45
N LEU A 319 -15.05 3.95 13.29
CA LEU A 319 -14.54 5.20 13.82
C LEU A 319 -13.35 4.94 14.74
N GLN A 320 -13.38 3.85 15.50
CA GLN A 320 -12.23 3.47 16.31
C GLN A 320 -11.00 3.27 15.44
N ALA A 321 -11.14 2.46 14.37
CA ALA A 321 -9.98 2.19 13.51
C ALA A 321 -9.52 3.45 12.80
N TRP A 322 -10.44 4.34 12.41
CA TRP A 322 -10.01 5.58 11.76
C TRP A 322 -9.30 6.50 12.74
N ALA A 323 -9.69 6.47 14.02
CA ALA A 323 -8.96 7.25 15.00
C ALA A 323 -7.55 6.69 15.20
N ASP A 324 -7.42 5.36 15.21
CA ASP A 324 -6.10 4.73 15.27
C ASP A 324 -5.23 5.18 14.12
N THR A 325 -5.82 5.26 12.93
CA THR A 325 -5.15 5.82 11.77
C THR A 325 -4.63 7.22 12.06
N ALA A 326 -5.47 8.08 12.63
CA ALA A 326 -5.03 9.44 12.96
C ALA A 326 -3.98 9.44 14.07
N THR A 327 -4.11 8.51 15.03
CA THR A 327 -3.11 8.39 16.09
C THR A 327 -1.74 8.04 15.52
N VAL A 328 -1.70 7.29 14.40
CA VAL A 328 -0.40 6.99 13.79
C VAL A 328 0.13 8.18 13.00
N ILE A 329 -0.74 8.88 12.26
CA ILE A 329 -0.27 9.92 11.36
C ILE A 329 0.12 11.19 12.09
N GLN A 330 -0.36 11.37 13.33
CA GLN A 330 -0.04 12.55 14.12
C GLN A 330 1.46 12.71 14.35
N ASP A 331 2.22 11.61 14.33
CA ASP A 331 3.64 11.71 14.57
C ASP A 331 4.44 12.01 13.31
N TYR A 332 3.78 12.24 12.18
CA TYR A 332 4.45 12.57 10.92
C TYR A 332 4.33 14.07 10.64
N ASN A 333 5.10 14.52 9.66
CA ASN A 333 4.98 15.87 9.12
C ASN A 333 4.54 15.77 7.66
N TYR A 334 3.45 16.48 7.33
CA TYR A 334 2.87 16.44 5.98
C TYR A 334 3.80 17.13 5.00
N CYS A 335 4.45 16.35 4.14
CA CYS A 335 5.33 16.90 3.12
C CYS A 335 4.64 16.92 1.77
N ARG A 336 5.36 17.43 0.77
CA ARG A 336 4.80 17.69 -0.56
C ARG A 336 4.28 16.42 -1.22
N GLU A 337 5.07 15.37 -1.19
CA GLU A 337 4.75 14.13 -1.88
C GLU A 337 3.95 13.16 -1.01
N ASP A 338 3.29 13.66 0.04
CA ASP A 338 2.46 12.83 0.91
C ASP A 338 0.97 12.85 0.50
N GLU A 339 0.68 13.26 -0.74
CA GLU A 339 -0.68 13.60 -1.15
C GLU A 339 -1.63 12.41 -1.09
N GLU A 340 -1.15 11.20 -1.39
CA GLU A 340 -2.03 10.03 -1.39
C GLU A 340 -2.65 9.79 -0.03
N ILE A 341 -1.87 9.94 1.05
CA ILE A 341 -2.47 9.71 2.36
C ILE A 341 -3.33 10.91 2.77
N TYR A 342 -3.00 12.11 2.30
CA TYR A 342 -3.87 13.26 2.49
C TYR A 342 -5.25 13.00 1.88
N LYS A 343 -5.28 12.60 0.59
CA LYS A 343 -6.55 12.38 -0.10
C LYS A 343 -7.40 11.37 0.65
N GLU A 344 -6.76 10.35 1.23
CA GLU A 344 -7.45 9.34 2.00
C GLU A 344 -8.06 9.91 3.28
N PHE A 345 -7.31 10.72 4.01
CA PHE A 345 -7.88 11.36 5.20
C PHE A 345 -8.99 12.32 4.84
N PHE A 346 -8.80 13.08 3.76
CA PHE A 346 -9.83 13.98 3.25
C PHE A 346 -11.12 13.22 2.98
N GLU A 347 -11.02 12.14 2.19
CA GLU A 347 -12.20 11.36 1.84
C GLU A 347 -12.87 10.78 3.08
N VAL A 348 -12.08 10.33 4.06
CA VAL A 348 -12.66 9.76 5.26
C VAL A 348 -13.36 10.84 6.08
N ALA A 349 -12.73 12.01 6.19
CA ALA A 349 -13.24 13.09 7.03
C ALA A 349 -14.45 13.77 6.42
N ASN A 350 -14.42 14.01 5.11
CA ASN A 350 -15.39 14.88 4.46
C ASN A 350 -16.36 14.14 3.55
N ASP A 351 -16.24 12.82 3.40
CA ASP A 351 -17.20 12.04 2.62
C ASP A 351 -17.67 10.81 3.37
N VAL A 352 -16.75 9.90 3.72
CA VAL A 352 -17.16 8.60 4.26
C VAL A 352 -17.85 8.75 5.60
N ILE A 353 -17.26 9.51 6.52
CA ILE A 353 -17.78 9.63 7.88
C ILE A 353 -19.10 10.41 7.90
N PRO A 354 -19.20 11.55 7.21
CA PRO A 354 -20.54 12.18 7.05
C PRO A 354 -21.60 11.22 6.55
N ASN A 355 -21.29 10.41 5.53
CA ASN A 355 -22.29 9.49 5.00
C ASN A 355 -22.67 8.45 6.05
N LEU A 356 -21.67 7.90 6.75
CA LEU A 356 -21.94 6.95 7.83
C LEU A 356 -22.86 7.56 8.88
N LEU A 357 -22.55 8.79 9.32
CA LEU A 357 -23.35 9.44 10.36
C LEU A 357 -24.73 9.83 9.84
N LYS A 358 -24.80 10.27 8.58
CA LYS A 358 -26.11 10.60 7.97
C LYS A 358 -26.98 9.35 7.86
N GLU A 359 -26.40 8.21 7.50
CA GLU A 359 -27.15 6.96 7.52
C GLU A 359 -27.57 6.59 8.94
N ALA A 360 -26.71 6.87 9.93
CA ALA A 360 -27.07 6.60 11.32
C ALA A 360 -28.20 7.51 11.78
N ALA A 361 -28.20 8.77 11.32
CA ALA A 361 -29.28 9.70 11.67
C ALA A 361 -30.60 9.24 11.08
N SER A 362 -30.59 8.70 9.86
CA SER A 362 -31.80 8.17 9.27
C SER A 362 -32.31 6.95 10.03
N LEU A 363 -31.41 6.15 10.60
CA LEU A 363 -31.85 4.97 11.35
C LEU A 363 -32.55 5.35 12.64
N LEU A 364 -32.12 6.44 13.28
CA LEU A 364 -32.83 6.92 14.46
C LEU A 364 -34.22 7.43 14.09
N GLU A 365 -34.40 7.94 12.87
CA GLU A 365 -35.71 8.42 12.42
C GLU A 365 -36.80 7.36 12.49
N ALA A 366 -36.43 6.09 12.64
CA ALA A 366 -37.41 5.01 12.74
C ALA A 366 -36.89 3.90 13.64
N GLY A 367 -36.38 4.27 14.81
CA GLY A 367 -35.89 3.30 15.77
C GLY A 367 -34.64 3.73 16.53
N GLY A 371 -30.45 2.06 20.33
CA GLY A 371 -29.06 1.68 20.58
C GLY A 371 -28.10 2.06 19.46
N SER A 372 -28.33 3.21 18.84
CA SER A 372 -27.53 3.62 17.69
C SER A 372 -26.23 4.28 18.15
N ALA A 373 -25.32 4.48 17.18
CA ALA A 373 -24.01 5.03 17.45
C ALA A 373 -24.04 6.53 17.72
N LEU A 374 -25.06 7.23 17.20
CA LEU A 374 -25.20 8.66 17.45
C LEU A 374 -25.59 8.96 18.89
N GLN A 375 -26.13 7.98 19.60
CA GLN A 375 -26.38 8.10 21.03
C GLN A 375 -25.27 7.48 21.87
N ASP A 376 -24.14 7.14 21.24
CA ASP A 376 -23.04 6.50 21.96
C ASP A 376 -21.92 7.51 22.16
N PRO A 377 -21.52 7.80 23.40
CA PRO A 377 -20.42 8.75 23.61
C PRO A 377 -19.06 8.24 23.17
N GLU A 378 -18.85 6.91 23.23
CA GLU A 378 -17.60 6.32 22.72
C GLU A 378 -17.34 6.73 21.28
N CYS A 379 -18.36 6.56 20.41
CA CYS A 379 -18.22 6.94 19.01
C CYS A 379 -17.85 8.41 18.87
N PHE A 380 -18.45 9.26 19.69
CA PHE A 380 -18.08 10.67 19.66
C PHE A 380 -16.63 10.86 20.10
N ALA A 381 -16.17 10.06 21.05
CA ALA A 381 -14.76 10.12 21.48
C ALA A 381 -13.85 9.75 20.33
N HIS A 382 -14.14 8.62 19.65
CA HIS A 382 -13.35 8.20 18.48
C HIS A 382 -13.30 9.31 17.45
N LEU A 383 -14.44 9.94 17.18
CA LEU A 383 -14.49 11.04 16.22
C LEU A 383 -13.55 12.17 16.64
N LEU A 384 -13.48 12.47 17.93
CA LEU A 384 -12.63 13.55 18.40
C LEU A 384 -11.16 13.15 18.35
N ARG A 385 -10.84 11.90 18.68
CA ARG A 385 -9.45 11.44 18.59
C ARG A 385 -8.97 11.46 17.14
N PHE A 386 -9.87 11.15 16.20
CA PHE A 386 -9.54 11.22 14.79
C PHE A 386 -9.12 12.64 14.39
N TYR A 387 -9.91 13.65 14.78
CA TYR A 387 -9.57 15.01 14.38
C TYR A 387 -8.38 15.54 15.15
N ASP A 388 -8.18 15.07 16.39
CA ASP A 388 -7.00 15.47 17.13
C ASP A 388 -5.73 15.00 16.44
N GLY A 389 -5.70 13.74 16.00
CA GLY A 389 -4.52 13.24 15.30
C GLY A 389 -4.18 14.03 14.03
N ILE A 390 -5.22 14.47 13.31
CA ILE A 390 -4.98 15.20 12.06
C ILE A 390 -4.48 16.60 12.33
N CYS A 391 -5.04 17.27 13.34
CA CYS A 391 -4.50 18.56 13.79
C CYS A 391 -3.05 18.41 14.24
N LYS A 392 -2.76 17.42 15.09
CA LYS A 392 -1.39 17.19 15.56
C LYS A 392 -0.46 16.86 14.40
N TRP A 393 -0.95 16.09 13.42
CA TRP A 393 -0.23 15.83 12.19
C TRP A 393 0.22 17.13 11.53
N GLU A 394 -0.69 18.10 11.47
CA GLU A 394 -0.39 19.38 10.81
C GLU A 394 0.70 20.15 11.52
N GLU A 395 0.77 20.02 12.84
CA GLU A 395 1.83 20.70 13.59
C GLU A 395 3.20 20.23 13.10
N GLY A 396 4.12 21.18 12.98
CA GLY A 396 5.45 20.88 12.50
C GLY A 396 5.53 20.59 11.03
N SER A 397 4.39 20.64 10.31
CA SER A 397 4.40 20.37 8.88
C SER A 397 4.63 21.65 8.09
N PRO A 398 5.31 21.53 6.95
CA PRO A 398 5.59 22.72 6.12
C PRO A 398 4.33 23.35 5.53
N THR A 399 3.49 22.56 4.79
CA THR A 399 2.26 23.05 4.19
C THR A 399 1.05 22.68 5.06
N PRO A 400 0.02 23.51 5.09
CA PRO A 400 -1.13 23.23 5.96
C PRO A 400 -1.96 22.03 5.48
N VAL A 401 -2.77 21.51 6.40
CA VAL A 401 -3.60 20.33 6.18
C VAL A 401 -5.07 20.73 6.13
N LEU A 402 -5.53 21.41 7.17
CA LEU A 402 -6.95 21.70 7.32
C LEU A 402 -7.29 23.02 6.65
N HIS A 403 -8.51 23.09 6.11
CA HIS A 403 -9.02 24.31 5.51
C HIS A 403 -10.53 24.34 5.72
N VAL A 404 -11.19 25.31 5.08
CA VAL A 404 -12.58 25.62 5.37
C VAL A 404 -13.49 24.42 5.11
N GLY A 405 -13.13 23.60 4.11
CA GLY A 405 -13.93 22.43 3.81
C GLY A 405 -13.96 21.41 4.93
N TRP A 406 -12.79 21.13 5.53
CA TRP A 406 -12.73 20.26 6.71
C TRP A 406 -13.63 20.78 7.83
N ALA A 407 -13.62 22.09 8.04
CA ALA A 407 -14.41 22.66 9.14
C ALA A 407 -15.91 22.49 8.90
N THR A 408 -16.35 22.54 7.63
CA THR A 408 -17.77 22.36 7.33
C THR A 408 -18.27 20.99 7.75
N PHE A 409 -17.46 19.94 7.54
CA PHE A 409 -17.93 18.60 7.87
C PHE A 409 -17.64 18.20 9.30
N LEU A 410 -16.60 18.77 9.91
CA LEU A 410 -16.44 18.63 11.35
C LEU A 410 -17.66 19.17 12.08
N VAL A 411 -18.06 20.41 11.76
CA VAL A 411 -19.26 21.00 12.32
C VAL A 411 -20.46 20.08 12.11
N GLN A 412 -20.66 19.65 10.86
CA GLN A 412 -21.78 18.76 10.55
C GLN A 412 -21.68 17.45 11.33
N SER A 413 -20.47 16.91 11.48
CA SER A 413 -20.31 15.62 12.16
C SER A 413 -20.55 15.74 13.66
N LEU A 414 -20.02 16.80 14.27
CA LEU A 414 -20.28 17.04 15.69
C LEU A 414 -21.79 17.15 15.95
N GLY A 415 -22.49 17.86 15.07
CA GLY A 415 -23.92 18.02 15.18
C GLY A 415 -24.76 16.80 14.83
N ARG A 416 -24.13 15.66 14.58
CA ARG A 416 -24.85 14.40 14.49
C ARG A 416 -25.05 13.74 15.84
N PHE A 417 -24.56 14.35 16.91
CA PHE A 417 -24.66 13.80 18.25
C PHE A 417 -25.41 14.79 19.13
N GLU A 418 -26.41 14.29 19.87
CA GLU A 418 -27.15 15.14 20.79
C GLU A 418 -26.18 15.77 21.80
N GLY A 419 -26.37 17.07 22.04
CA GLY A 419 -25.53 17.75 23.02
C GLY A 419 -25.45 17.02 24.35
N GLN A 420 -26.54 16.37 24.74
CA GLN A 420 -26.51 15.49 25.91
C GLN A 420 -25.49 14.37 25.72
N VAL A 421 -25.43 13.78 24.53
CA VAL A 421 -24.55 12.66 24.28
C VAL A 421 -23.09 13.10 24.29
N ARG A 422 -22.79 14.20 23.60
CA ARG A 422 -21.43 14.73 23.58
C ARG A 422 -20.96 15.13 24.99
N GLN A 423 -21.89 15.58 25.83
CA GLN A 423 -21.52 16.07 27.15
C GLN A 423 -20.99 14.98 28.07
N LYS A 424 -21.30 13.72 27.79
CA LYS A 424 -20.87 12.60 28.61
C LYS A 424 -19.48 12.08 28.23
N VAL A 425 -18.64 12.91 27.62
CA VAL A 425 -17.26 12.56 27.30
C VAL A 425 -16.37 13.60 27.94
N ARG A 426 -15.42 13.14 28.76
CA ARG A 426 -14.46 14.01 29.44
C ARG A 426 -13.26 14.25 28.53
N ILE A 427 -12.93 15.52 28.30
CA ILE A 427 -11.78 15.87 27.46
C ILE A 427 -10.67 16.41 28.36
N VAL A 428 -9.54 15.71 28.39
CA VAL A 428 -8.34 16.13 29.13
C VAL A 428 -7.36 16.72 28.12
N SER A 429 -6.61 17.73 28.54
CA SER A 429 -5.52 18.27 27.73
C SER A 429 -4.21 17.58 28.08
N GLY A 430 -3.13 17.97 27.39
CA GLY A 430 -1.82 17.40 27.63
C GLY A 430 -1.07 18.10 28.76
N GLY A 458 -18.21 7.15 32.17
CA GLY A 458 -18.15 7.70 30.83
C GLY A 458 -16.75 7.87 30.27
N PRO A 459 -16.61 7.82 28.95
CA PRO A 459 -15.27 7.82 28.33
C PRO A 459 -14.50 9.11 28.62
N VAL A 460 -13.19 8.95 28.81
CA VAL A 460 -12.27 10.06 29.03
C VAL A 460 -11.23 10.05 27.91
N LEU A 461 -10.91 11.23 27.38
CA LEU A 461 -10.04 11.33 26.22
C LEU A 461 -9.08 12.49 26.41
N THR A 462 -7.83 12.29 25.98
CA THR A 462 -6.76 13.26 26.13
C THR A 462 -6.34 13.79 24.77
N PHE A 463 -6.53 15.10 24.55
CA PHE A 463 -6.13 15.71 23.30
C PHE A 463 -4.61 15.91 23.28
N GLN A 464 -4.07 16.04 22.05
CA GLN A 464 -2.63 16.20 21.83
C GLN A 464 -2.28 17.42 21.00
N SER A 465 -3.22 17.99 20.24
CA SER A 465 -2.97 19.10 19.35
C SER A 465 -3.42 20.43 19.96
N GLU A 466 -2.71 21.49 19.60
CA GLU A 466 -3.10 22.82 20.08
C GLU A 466 -4.52 23.18 19.63
N LYS A 467 -4.86 22.84 18.38
CA LYS A 467 -6.14 23.27 17.82
C LYS A 467 -7.32 22.62 18.54
N MET A 468 -7.25 21.31 18.74
CA MET A 468 -8.37 20.64 19.41
C MET A 468 -8.47 21.06 20.86
N LYS A 469 -7.34 21.12 21.57
CA LYS A 469 -7.34 21.71 22.91
C LYS A 469 -7.94 23.12 22.89
N GLY A 470 -7.58 23.91 21.88
CA GLY A 470 -8.07 25.28 21.80
C GLY A 470 -9.58 25.42 21.71
N MET A 471 -10.24 24.47 21.05
CA MET A 471 -11.69 24.50 20.92
C MET A 471 -12.37 23.41 21.75
N LYS A 472 -11.64 22.83 22.70
CA LYS A 472 -12.20 21.80 23.56
C LYS A 472 -13.55 22.22 24.15
N GLU A 473 -13.68 23.50 24.49
CA GLU A 473 -14.91 23.99 25.08
C GLU A 473 -16.05 23.95 24.08
N LEU A 474 -15.80 24.40 22.85
CA LEU A 474 -16.84 24.46 21.83
C LEU A 474 -17.41 23.08 21.51
N LEU A 475 -16.62 22.02 21.71
CA LEU A 475 -16.98 20.68 21.25
C LEU A 475 -18.04 20.00 22.12
N VAL A 476 -18.42 20.59 23.25
CA VAL A 476 -19.34 19.95 24.18
C VAL A 476 -20.56 20.81 24.48
N ALA A 477 -20.62 22.03 23.95
CA ALA A 477 -21.77 22.91 24.18
C ALA A 477 -23.00 22.39 23.45
N THR A 478 -24.15 22.39 24.15
CA THR A 478 -25.40 21.89 23.58
C THR A 478 -25.70 22.48 22.20
N LYS A 479 -25.28 23.72 21.96
CA LYS A 479 -25.32 24.33 20.65
C LYS A 479 -23.91 24.67 20.21
N ILE A 480 -23.60 24.37 18.94
CA ILE A 480 -22.24 24.33 18.43
C ILE A 480 -21.96 25.63 17.70
N ASN A 481 -21.01 26.42 18.22
CA ASN A 481 -20.64 27.66 17.54
C ASN A 481 -19.87 27.35 16.26
N SER A 482 -20.60 27.13 15.17
CA SER A 482 -20.00 26.70 13.92
C SER A 482 -18.93 27.68 13.44
N SER A 483 -19.27 28.98 13.41
CA SER A 483 -18.30 29.97 12.98
C SER A 483 -17.04 29.92 13.83
N ALA A 484 -17.20 29.76 15.16
CA ALA A 484 -16.05 29.76 16.06
C ALA A 484 -15.15 28.55 15.82
N ILE A 485 -15.74 27.35 15.76
CA ILE A 485 -14.94 26.15 15.47
C ILE A 485 -14.26 26.29 14.12
N LYS A 486 -14.94 26.89 13.14
CA LYS A 486 -14.42 26.95 11.78
C LYS A 486 -13.13 27.75 11.70
N LEU A 487 -13.04 28.86 12.44
CA LEU A 487 -11.81 29.65 12.38
C LEU A 487 -10.72 29.10 13.30
N GLN A 488 -11.10 28.32 14.32
CA GLN A 488 -10.08 27.71 15.18
C GLN A 488 -9.43 26.52 14.49
N LEU A 489 -10.24 25.67 13.84
CA LEU A 489 -9.68 24.56 13.09
C LEU A 489 -8.84 25.03 11.91
N THR A 490 -9.06 26.25 11.43
CA THR A 490 -8.31 26.79 10.30
C THR A 490 -7.26 27.81 10.70
N ALA A 491 -7.11 28.10 11.99
CA ALA A 491 -6.08 29.02 12.45
C ALA A 491 -4.70 28.51 12.07
N GLN A 492 -3.72 29.44 12.05
CA GLN A 492 -2.36 29.06 11.69
C GLN A 492 -1.81 28.05 12.69
C1 V6Q B . -3.84 1.61 -1.50
C2 V6Q B . -4.83 2.55 -1.28
C3 V6Q B . -5.71 2.44 -0.21
C4 V6Q B . -5.57 1.35 0.65
C5 V6Q B . -4.58 0.40 0.43
C6 V6Q B . -3.72 0.54 -0.64
C8 V6Q B . -6.79 3.45 0.03
C9 V6Q B . -6.34 0.21 2.60
N10 V6Q B . -8.07 3.06 -0.57
O7 V6Q B . -6.46 1.30 1.69
C1 GOL C . -13.96 -11.28 -15.93
O1 GOL C . -14.08 -12.41 -15.08
C2 GOL C . -15.24 -10.89 -16.70
O2 GOL C . -16.33 -11.75 -16.39
C3 GOL C . -14.92 -10.94 -18.20
O3 GOL C . -15.84 -10.19 -18.97
C1 EDO D . 19.13 4.47 5.82
O1 EDO D . 19.31 3.30 6.63
C2 EDO D . 17.80 4.44 5.04
O2 EDO D . 16.66 4.34 5.92
C1 EDO E . 4.37 1.17 -3.19
O1 EDO E . 4.06 1.03 -4.59
C2 EDO E . 4.03 -0.11 -2.43
O2 EDO E . 2.61 -0.18 -2.28
C1 EDO F . -10.26 -6.85 -3.30
O1 EDO F . -10.55 -5.76 -4.20
C2 EDO F . -8.75 -7.05 -3.15
O2 EDO F . -8.13 -6.00 -2.35
C1 GOL G . 1.80 -4.04 -1.71
O1 GOL G . 2.84 -3.08 -1.61
C2 GOL G . 0.50 -3.41 -2.18
O2 GOL G . 0.54 -3.18 -3.59
C3 GOL G . -0.71 -4.23 -1.79
O3 GOL G . -1.92 -3.70 -2.32
#